data_4J5V
#
_entry.id   4J5V
#
_cell.length_a   90.219
_cell.length_b   90.219
_cell.length_c   148.039
_cell.angle_alpha   90.00
_cell.angle_beta   90.00
_cell.angle_gamma   120.00
#
_symmetry.space_group_name_H-M   'H 3 2'
#
loop_
_entity.id
_entity.type
_entity.pdbx_description
1 polymer 'RNA silencing suppressor p19'
2 polymer "5'-R(P*CP*AP*GP*CP*AP*GP*CP*AP*GP*CP*CP*CP*GP*CP*CP*GP*CP*CP*G)-3'"
3 non-polymer 'SULFATE ION'
4 water water
#
loop_
_entity_poly.entity_id
_entity_poly.type
_entity_poly.pdbx_seq_one_letter_code
_entity_poly.pdbx_strand_id
1 'polypeptide(L)'
;GSHMTSPFKLPDESPSWTEWRLHNDETNSNQDNPLGFKESWGFGKVVFKRYLRYDRTEASLHRVLGSWTGDSVNYAASRF
FGFDQIGCTYSIRFRGVSITVSGGSRTLQHLCEMAIRSKQELLQLAP
;
A
2 'polyribonucleotide' CAGCAGCAGCCCGCCGCCG B
#
loop_
_chem_comp.id
_chem_comp.type
_chem_comp.name
_chem_comp.formula
A RNA linking ADENOSINE-5'-MONOPHOSPHATE 'C10 H14 N5 O7 P'
C RNA linking CYTIDINE-5'-MONOPHOSPHATE 'C9 H14 N3 O8 P'
G RNA linking GUANOSINE-5'-MONOPHOSPHATE 'C10 H14 N5 O8 P'
SO4 non-polymer 'SULFATE ION' 'O4 S -2'
#
# COMPACT_ATOMS: atom_id res chain seq x y z
N MET A 4 -8.78 -14.99 6.67
CA MET A 4 -8.34 -14.31 5.41
C MET A 4 -6.81 -14.19 5.35
N THR A 5 -6.17 -14.76 4.33
CA THR A 5 -4.74 -14.50 4.04
C THR A 5 -4.52 -13.14 3.34
N SER A 6 -3.69 -12.35 3.95
CA SER A 6 -3.43 -11.00 3.50
C SER A 6 -2.37 -10.99 2.39
N PRO A 7 -2.49 -10.07 1.40
CA PRO A 7 -1.44 -9.83 0.43
C PRO A 7 -0.17 -9.18 1.08
N PHE A 8 -0.32 -8.68 2.32
CA PHE A 8 0.84 -7.96 3.02
C PHE A 8 1.78 -8.84 3.86
N LYS A 9 3.10 -8.52 3.85
CA LYS A 9 4.15 -9.26 4.56
C LYS A 9 4.66 -8.53 5.84
N LEU A 10 4.13 -7.37 6.10
CA LEU A 10 4.44 -6.60 7.31
C LEU A 10 3.11 -6.29 8.02
N PRO A 11 3.09 -6.26 9.36
CA PRO A 11 1.87 -5.92 10.07
C PRO A 11 1.55 -4.43 9.94
N ASP A 12 0.30 -4.05 10.26
CA ASP A 12 -0.14 -2.71 10.19
C ASP A 12 0.59 -1.89 11.29
N GLU A 13 0.72 -0.59 11.07
CA GLU A 13 1.46 0.28 12.05
C GLU A 13 0.67 1.54 12.25
N SER A 14 -0.69 1.46 12.19
CA SER A 14 -1.52 2.64 12.47
C SER A 14 -1.12 3.24 13.80
N PRO A 15 -0.96 4.56 13.87
CA PRO A 15 -0.70 5.20 15.14
C PRO A 15 -1.99 5.25 16.02
N SER A 16 -1.86 5.21 17.34
CA SER A 16 -3.03 5.44 18.17
C SER A 16 -3.36 6.95 17.96
N TRP A 17 -4.54 7.33 18.44
CA TRP A 17 -4.97 8.72 18.37
C TRP A 17 -4.01 9.62 19.12
N THR A 18 -3.59 9.20 20.31
CA THR A 18 -2.60 9.93 21.10
C THR A 18 -1.23 10.07 20.40
N GLU A 19 -0.71 8.98 19.82
CA GLU A 19 0.59 9.08 19.14
C GLU A 19 0.49 10.10 17.97
N TRP A 20 -0.56 10.00 17.20
CA TRP A 20 -0.81 10.89 16.08
C TRP A 20 -0.91 12.37 16.53
N ARG A 21 -1.55 12.65 17.68
CA ARG A 21 -1.64 13.98 18.19
C ARG A 21 -0.27 14.49 18.65
N LEU A 22 0.49 13.61 19.33
CA LEU A 22 1.83 13.94 19.74
C LEU A 22 2.68 14.33 18.50
N HIS A 23 2.61 13.55 17.45
CA HIS A 23 3.30 13.86 16.21
C HIS A 23 2.82 15.21 15.54
N ASN A 24 1.51 15.44 15.45
CA ASN A 24 1.05 16.76 14.94
C ASN A 24 1.65 17.91 15.69
N ASP A 25 1.57 17.85 17.02
CA ASP A 25 2.11 18.88 17.94
C ASP A 25 3.57 19.20 17.78
N GLU A 26 4.34 18.21 17.35
CA GLU A 26 5.79 18.38 17.31
C GLU A 26 6.38 18.50 15.90
N THR A 27 5.59 18.42 14.82
CA THR A 27 6.14 18.65 13.45
C THR A 27 5.96 20.08 12.87
N ASN A 30 1.89 19.62 9.87
CA ASN A 30 2.66 19.47 8.65
C ASN A 30 2.26 18.24 7.83
N GLN A 31 1.52 18.46 6.73
CA GLN A 31 1.06 17.40 5.81
C GLN A 31 2.19 16.70 5.04
N ASP A 32 3.33 17.36 4.94
CA ASP A 32 4.45 16.87 4.14
C ASP A 32 5.46 16.07 4.98
N ASN A 33 5.19 15.97 6.28
CA ASN A 33 5.93 15.08 7.19
C ASN A 33 5.07 14.14 8.11
N PRO A 34 4.21 13.30 7.52
CA PRO A 34 3.37 12.36 8.28
C PRO A 34 4.21 11.23 8.90
N LEU A 35 3.61 10.48 9.81
CA LEU A 35 4.27 9.32 10.35
C LEU A 35 4.56 8.28 9.30
N GLY A 36 3.68 8.16 8.30
CA GLY A 36 3.93 7.08 7.26
C GLY A 36 2.90 7.28 6.16
N PHE A 37 2.51 6.19 5.46
CA PHE A 37 1.61 6.27 4.32
C PHE A 37 0.58 5.14 4.50
N LYS A 38 -0.51 5.22 3.74
CA LYS A 38 -1.50 4.16 3.71
C LYS A 38 -1.49 3.54 2.34
N GLU A 39 -1.74 2.22 2.32
CA GLU A 39 -1.82 1.52 1.09
C GLU A 39 -2.88 0.45 1.31
N SER A 40 -3.48 -0.02 0.20
CA SER A 40 -4.52 -1.04 0.30
C SER A 40 -4.57 -1.90 -0.95
N TRP A 41 -5.00 -3.15 -0.80
CA TRP A 41 -5.24 -4.04 -1.95
C TRP A 41 -6.67 -4.51 -1.85
N GLY A 42 -7.42 -4.34 -2.94
CA GLY A 42 -8.79 -4.85 -3.05
C GLY A 42 -8.95 -5.94 -4.12
N PHE A 43 -9.75 -7.00 -3.82
CA PHE A 43 -9.99 -8.11 -4.74
C PHE A 43 -11.47 -8.39 -4.63
N GLY A 44 -12.23 -8.03 -5.65
CA GLY A 44 -13.69 -7.98 -5.56
C GLY A 44 -14.03 -7.11 -4.35
N LYS A 45 -14.80 -7.63 -3.40
CA LYS A 45 -15.31 -6.78 -2.30
C LYS A 45 -14.44 -6.83 -1.06
N VAL A 46 -13.33 -7.53 -1.10
CA VAL A 46 -12.58 -7.68 0.11
C VAL A 46 -11.33 -6.73 0.03
N VAL A 47 -11.12 -5.89 1.05
CA VAL A 47 -10.02 -4.94 1.02
C VAL A 47 -9.10 -5.13 2.22
N PHE A 48 -7.78 -5.18 1.98
CA PHE A 48 -6.77 -5.25 3.01
C PHE A 48 -6.03 -3.90 3.05
N LYS A 49 -5.71 -3.35 4.23
CA LYS A 49 -5.11 -2.01 4.30
C LYS A 49 -3.92 -2.08 5.22
N ARG A 50 -2.98 -1.17 5.01
CA ARG A 50 -1.89 -1.00 5.93
C ARG A 50 -1.63 0.48 6.02
N TYR A 51 -1.31 0.91 7.24
CA TYR A 51 -0.54 2.13 7.47
C TYR A 51 0.91 1.74 7.83
N LEU A 52 1.92 2.31 7.16
CA LEU A 52 3.28 1.88 7.41
C LEU A 52 4.12 3.14 7.64
N ARG A 53 4.99 3.06 8.66
CA ARG A 53 5.89 4.16 8.98
C ARG A 53 6.94 4.30 7.89
N TYR A 54 7.25 5.55 7.57
CA TYR A 54 8.15 5.87 6.47
C TYR A 54 8.80 7.21 6.77
N ASP A 55 10.11 7.26 6.75
CA ASP A 55 10.79 8.48 7.15
C ASP A 55 11.63 9.06 6.02
N ARG A 56 11.46 8.54 4.80
CA ARG A 56 12.18 9.04 3.61
C ARG A 56 13.67 8.75 3.50
N THR A 57 14.19 7.79 4.25
CA THR A 57 15.61 7.42 4.11
C THR A 57 15.58 6.22 3.17
N GLU A 58 16.73 5.85 2.65
CA GLU A 58 16.81 4.69 1.79
C GLU A 58 16.48 3.42 2.55
N ALA A 59 16.97 3.30 3.81
CA ALA A 59 16.65 2.12 4.67
C ALA A 59 15.16 2.00 4.80
N SER A 60 14.49 3.11 5.09
CA SER A 60 13.04 3.02 5.30
C SER A 60 12.28 2.69 4.02
N LEU A 61 12.78 3.22 2.91
CA LEU A 61 12.11 2.95 1.59
C LEU A 61 12.25 1.45 1.23
N HIS A 62 13.42 0.93 1.42
CA HIS A 62 13.63 -0.48 1.19
C HIS A 62 12.70 -1.38 2.05
N ARG A 63 12.55 -1.05 3.33
CA ARG A 63 11.70 -1.81 4.26
C ARG A 63 10.28 -1.79 3.72
N VAL A 64 9.71 -0.59 3.50
CA VAL A 64 8.30 -0.54 3.16
C VAL A 64 8.03 -1.03 1.75
N LEU A 65 9.03 -0.99 0.85
CA LEU A 65 8.84 -1.65 -0.47
C LEU A 65 8.66 -3.19 -0.33
N GLY A 66 9.09 -3.76 0.83
CA GLY A 66 8.98 -5.22 1.06
C GLY A 66 7.58 -5.56 1.62
N SER A 67 6.66 -4.60 1.71
CA SER A 67 5.40 -4.93 2.41
C SER A 67 4.46 -5.88 1.62
N TRP A 68 4.71 -6.03 0.30
CA TRP A 68 3.95 -6.99 -0.52
C TRP A 68 4.78 -7.18 -1.72
N THR A 69 4.63 -8.35 -2.36
CA THR A 69 5.31 -8.69 -3.60
C THR A 69 4.26 -9.21 -4.61
N GLY A 70 4.65 -9.38 -5.87
CA GLY A 70 3.77 -10.01 -6.86
C GLY A 70 3.27 -11.41 -6.40
N ASP A 71 4.19 -12.19 -5.84
CA ASP A 71 3.83 -13.49 -5.26
C ASP A 71 2.78 -13.42 -4.08
N SER A 72 3.01 -12.51 -3.14
CA SER A 72 2.20 -12.41 -1.94
C SER A 72 0.80 -11.89 -2.33
N VAL A 73 0.74 -10.93 -3.27
CA VAL A 73 -0.54 -10.41 -3.77
C VAL A 73 -1.29 -11.53 -4.57
N ASN A 74 -0.57 -12.33 -5.36
CA ASN A 74 -1.18 -13.35 -6.15
C ASN A 74 -1.78 -14.48 -5.21
N TYR A 75 -1.07 -14.78 -4.13
CA TYR A 75 -1.49 -15.79 -3.24
C TYR A 75 -2.79 -15.37 -2.50
N ALA A 76 -2.82 -14.16 -2.01
CA ALA A 76 -4.00 -13.60 -1.42
C ALA A 76 -5.18 -13.44 -2.40
N ALA A 77 -4.92 -12.97 -3.62
CA ALA A 77 -6.00 -12.72 -4.60
C ALA A 77 -6.61 -14.00 -5.14
N SER A 78 -5.77 -15.05 -5.30
CA SER A 78 -6.16 -16.29 -5.92
C SER A 78 -7.23 -17.03 -5.06
N ARG A 79 -7.33 -16.66 -3.76
CA ARG A 79 -8.44 -17.14 -2.86
C ARG A 79 -9.86 -16.82 -3.43
N PHE A 80 -9.94 -15.66 -4.09
CA PHE A 80 -11.17 -15.04 -4.61
C PHE A 80 -11.45 -15.29 -6.10
N PHE A 81 -10.52 -15.95 -6.80
CA PHE A 81 -10.63 -16.18 -8.24
C PHE A 81 -11.59 -17.33 -8.57
N GLY A 82 -12.04 -17.27 -9.82
CA GLY A 82 -12.91 -18.23 -10.45
C GLY A 82 -12.95 -17.98 -11.97
N PHE A 83 -14.03 -18.42 -12.58
CA PHE A 83 -14.19 -18.30 -14.02
C PHE A 83 -14.32 -16.84 -14.48
N ASP A 84 -15.28 -16.08 -13.91
CA ASP A 84 -15.42 -14.66 -14.20
C ASP A 84 -14.26 -13.87 -13.61
N GLN A 85 -13.88 -12.80 -14.29
CA GLN A 85 -12.83 -11.86 -13.79
C GLN A 85 -13.40 -11.11 -12.61
N ILE A 86 -12.58 -10.77 -11.61
CA ILE A 86 -12.98 -9.85 -10.55
C ILE A 86 -12.12 -8.57 -10.63
N GLY A 87 -12.59 -7.47 -10.03
CA GLY A 87 -11.82 -6.24 -10.07
C GLY A 87 -10.76 -6.27 -8.99
N CYS A 88 -9.54 -5.93 -9.36
CA CYS A 88 -8.43 -5.80 -8.41
C CYS A 88 -7.89 -4.35 -8.40
N THR A 89 -7.55 -3.86 -7.20
CA THR A 89 -7.15 -2.48 -7.09
C THR A 89 -6.07 -2.32 -6.04
N TYR A 90 -5.00 -1.58 -6.37
CA TYR A 90 -4.00 -1.17 -5.39
C TYR A 90 -4.18 0.34 -5.17
N SER A 91 -4.15 0.82 -3.94
CA SER A 91 -4.18 2.27 -3.71
C SER A 91 -3.08 2.65 -2.77
N ILE A 92 -2.52 3.85 -2.93
CA ILE A 92 -1.52 4.32 -2.01
C ILE A 92 -1.75 5.82 -1.84
N ARG A 93 -1.63 6.32 -0.61
CA ARG A 93 -1.82 7.73 -0.37
C ARG A 93 -0.65 8.23 0.47
N PHE A 94 -0.06 9.34 0.05
CA PHE A 94 1.08 9.88 0.75
C PHE A 94 1.15 11.38 0.45
N ARG A 95 1.24 12.22 1.51
CA ARG A 95 1.41 13.62 1.41
C ARG A 95 0.35 14.25 0.49
N GLY A 96 -0.91 13.84 0.67
CA GLY A 96 -1.98 14.52 -0.06
C GLY A 96 -2.22 13.95 -1.50
N VAL A 97 -1.42 12.96 -1.96
CA VAL A 97 -1.64 12.42 -3.26
C VAL A 97 -1.92 10.95 -3.21
N SER A 98 -3.00 10.56 -3.90
CA SER A 98 -3.48 9.18 -3.94
C SER A 98 -3.22 8.63 -5.34
N ILE A 99 -2.66 7.45 -5.40
CA ILE A 99 -2.52 6.71 -6.67
C ILE A 99 -3.30 5.41 -6.57
N THR A 100 -4.14 5.13 -7.58
CA THR A 100 -4.86 3.87 -7.61
C THR A 100 -4.52 3.16 -8.95
N VAL A 101 -4.14 1.89 -8.88
CA VAL A 101 -3.89 1.07 -10.06
C VAL A 101 -4.96 -0.04 -10.06
N SER A 102 -5.76 -0.14 -11.11
CA SER A 102 -6.85 -1.10 -11.00
C SER A 102 -7.10 -1.74 -12.36
N GLY A 103 -7.57 -2.97 -12.33
CA GLY A 103 -8.01 -3.66 -13.57
C GLY A 103 -8.60 -5.01 -13.17
N GLY A 104 -8.76 -5.91 -14.12
CA GLY A 104 -9.39 -7.19 -13.81
C GLY A 104 -8.33 -8.19 -13.37
N SER A 105 -8.78 -9.27 -12.73
CA SER A 105 -7.84 -10.25 -12.24
C SER A 105 -7.03 -10.91 -13.35
N ARG A 106 -7.47 -10.85 -14.58
CA ARG A 106 -6.62 -11.37 -15.65
C ARG A 106 -5.29 -10.61 -15.82
N THR A 107 -5.25 -9.36 -15.36
CA THR A 107 -4.11 -8.51 -15.67
C THR A 107 -3.31 -8.31 -14.37
N LEU A 108 -3.54 -9.17 -13.36
CA LEU A 108 -3.00 -8.91 -12.06
C LEU A 108 -1.47 -8.72 -12.04
N GLN A 109 -0.73 -9.53 -12.78
CA GLN A 109 0.71 -9.37 -12.81
C GLN A 109 1.10 -7.94 -13.30
N HIS A 110 0.43 -7.45 -14.34
CA HIS A 110 0.70 -6.13 -14.86
C HIS A 110 0.28 -5.13 -13.80
N LEU A 111 -0.85 -5.35 -13.12
CA LEU A 111 -1.23 -4.41 -12.05
C LEU A 111 -0.16 -4.32 -10.93
N CYS A 112 0.45 -5.45 -10.56
CA CYS A 112 1.47 -5.44 -9.51
C CYS A 112 2.73 -4.68 -9.97
N GLU A 113 3.13 -4.88 -11.22
CA GLU A 113 4.28 -4.15 -11.80
C GLU A 113 4.02 -2.63 -11.79
N MET A 114 2.83 -2.18 -12.17
CA MET A 114 2.55 -0.77 -12.17
C MET A 114 2.41 -0.28 -10.75
N ALA A 115 1.80 -1.10 -9.87
CA ALA A 115 1.59 -0.72 -8.43
C ALA A 115 2.92 -0.48 -7.69
N ILE A 116 3.90 -1.34 -7.92
CA ILE A 116 5.19 -1.22 -7.19
C ILE A 116 5.97 0.01 -7.67
N ARG A 117 5.92 0.28 -8.98
CA ARG A 117 6.52 1.45 -9.59
C ARG A 117 5.82 2.74 -9.07
N SER A 118 4.48 2.74 -9.04
CA SER A 118 3.74 3.88 -8.51
C SER A 118 4.17 4.13 -7.02
N LYS A 119 4.28 3.05 -6.24
CA LYS A 119 4.59 3.15 -4.83
C LYS A 119 5.99 3.79 -4.68
N GLN A 120 6.97 3.25 -5.39
CA GLN A 120 8.33 3.79 -5.31
C GLN A 120 8.40 5.23 -5.77
N GLU A 121 7.65 5.59 -6.82
CA GLU A 121 7.75 6.94 -7.37
C GLU A 121 7.07 7.89 -6.37
N LEU A 122 5.93 7.49 -5.81
CA LEU A 122 5.24 8.43 -4.87
C LEU A 122 6.08 8.67 -3.59
N LEU A 123 6.67 7.61 -3.07
CA LEU A 123 7.43 7.66 -1.81
C LEU A 123 8.74 8.43 -2.00
N GLN A 124 9.25 8.48 -3.21
CA GLN A 124 10.39 9.31 -3.48
C GLN A 124 10.05 10.67 -4.05
N LEU A 125 8.80 11.10 -4.02
CA LEU A 125 8.49 12.39 -4.64
C LEU A 125 9.17 13.55 -3.88
N ALA A 126 9.92 14.42 -4.58
CA ALA A 126 10.67 15.53 -3.94
C ALA A 126 9.86 16.44 -2.95
N PRO A 127 10.57 17.28 -2.15
CA PRO A 127 10.00 18.25 -1.16
C PRO A 127 8.67 18.93 -1.58
S SO4 C . -4.78 -8.38 7.29
O1 SO4 C . -4.26 -7.60 6.14
O2 SO4 C . -5.74 -9.37 6.84
O3 SO4 C . -5.54 -7.41 8.04
O4 SO4 C . -3.61 -9.01 7.85
S SO4 D . 6.88 -7.14 -7.28
O1 SO4 D . 8.11 -6.33 -7.24
O2 SO4 D . 7.20 -8.59 -7.30
O3 SO4 D . 5.99 -6.75 -8.44
O4 SO4 D . 6.30 -6.85 -6.00
S SO4 E . -2.95 13.54 3.66
O1 SO4 E . -2.45 12.43 2.82
O2 SO4 E . -3.80 13.11 4.78
O3 SO4 E . -3.76 14.53 2.95
O4 SO4 E . -1.76 14.25 4.13
S SO4 F . -2.37 4.80 23.42
O1 SO4 F . -1.81 5.90 22.63
O2 SO4 F . -1.87 3.54 22.88
O3 SO4 F . -2.08 4.96 24.82
O4 SO4 F . -3.84 4.72 23.25
S SO4 G . 1.75 -9.81 8.62
O1 SO4 G . 1.13 -9.20 7.43
O2 SO4 G . 1.60 -11.28 8.51
O3 SO4 G . 3.19 -9.55 8.77
O4 SO4 G . 0.99 -9.24 9.74
S SO4 H . -14.38 10.79 6.00
O1 SO4 H . -15.08 11.91 6.64
O2 SO4 H . -13.67 11.28 4.82
O3 SO4 H . -13.39 10.25 6.93
O4 SO4 H . -15.36 9.75 5.65
S SO4 I . -19.20 8.31 -0.44
O1 SO4 I . -17.82 8.82 -0.47
O2 SO4 I . -19.25 6.92 0.03
O3 SO4 I . -20.01 9.20 0.42
O4 SO4 I . -19.74 8.38 -1.80
S SO4 J . -10.61 14.04 12.10
O1 SO4 J . -10.91 15.04 11.08
O2 SO4 J . -10.85 12.67 11.57
O3 SO4 J . -9.19 14.25 12.50
O4 SO4 J . -11.50 14.22 13.24
#